data_4U42
#
_entry.id   4U42
#
_cell.length_a   79.448
_cell.length_b   83.672
_cell.length_c   95.459
_cell.angle_alpha   90.000
_cell.angle_beta   90.000
_cell.angle_gamma   90.000
#
_symmetry.space_group_name_H-M   'P 21 21 21'
#
loop_
_entity.id
_entity.type
_entity.pdbx_description
1 polymer 'Mitogen-activated protein kinase kinase kinase kinase 4'
2 non-polymer '2-(N-MORPHOLINO)-ETHANESULFONIC ACID'
3 non-polymer 6-[(3S)-3-(4-methyl-1H-pyrazol-3-yl)piperidin-1-yl]pyrido[3,2-d]pyrimidin-4-amine
4 non-polymer 'MAGNESIUM ION'
5 water water
#
_entity_poly.entity_id   1
_entity_poly.type   'polypeptide(L)'
_entity_poly.pdbx_seq_one_letter_code
;GSANDSPAKSLVDIDLSSLRDPAGIFELVEVVGNGTYGQVYKGRHVKTGQLAAIKVMDVTEDEEEEIKLEINMLKKYSHH
RNIATYYGAFIKKSPPGHDDQLWLVMEFCGAGSITDLVKNTKGNTLKEDWIAYISREILRGLAHLHIHHVIHRDIKGQNV
LLTENAEVKLVDFGVSAQLDREVGRRNTFIGTPYWMAPEVIACDENPDATYDYRSDLWSCGITAIEMAEGAPPLCDMHPM
RALFLIPRNPPPRLKSKKWSKKFFSFIEGCLVKNYMQRPSTEQLLKHPFIRDQPNERQVRIQLKDHIDRTRKKRGEKDET
EYEYSGSEEGNS
;
_entity_poly.pdbx_strand_id   A,B
#
loop_
_chem_comp.id
_chem_comp.type
_chem_comp.name
_chem_comp.formula
3C8 non-polymer 6-[(3S)-3-(4-methyl-1H-pyrazol-3-yl)piperidin-1-yl]pyrido[3,2-d]pyrimidin-4-amine 'C16 H19 N7'
MES non-polymer '2-(N-MORPHOLINO)-ETHANESULFONIC ACID' 'C6 H13 N O4 S'
MG non-polymer 'MAGNESIUM ION' 'Mg 2'
#
# COMPACT_ATOMS: atom_id res chain seq x y z
N SER A 17 -19.88 -20.92 5.80
CA SER A 17 -20.50 -20.01 6.76
C SER A 17 -19.61 -19.78 7.99
N SER A 18 -20.01 -20.38 9.12
CA SER A 18 -19.20 -20.32 10.33
C SER A 18 -18.09 -21.39 10.28
N LEU A 19 -16.95 -21.07 10.87
CA LEU A 19 -15.74 -21.88 10.70
C LEU A 19 -15.30 -22.63 11.96
N ARG A 20 -14.44 -21.98 12.75
CA ARG A 20 -13.75 -22.62 13.87
C ARG A 20 -12.72 -21.69 14.54
N ASP A 21 -12.32 -22.01 15.77
CA ASP A 21 -11.25 -21.24 16.41
C ASP A 21 -9.87 -21.89 16.24
N PRO A 22 -8.83 -21.06 16.02
CA PRO A 22 -7.45 -21.53 15.84
C PRO A 22 -6.77 -22.01 17.13
N ALA A 23 -7.12 -21.40 18.26
CA ALA A 23 -6.52 -21.76 19.56
C ALA A 23 -6.34 -23.28 19.74
N GLY A 24 -5.06 -23.71 19.82
CA GLY A 24 -4.76 -25.13 19.96
C GLY A 24 -4.63 -25.88 18.64
N ILE A 25 -4.63 -25.15 17.54
CA ILE A 25 -4.45 -25.75 16.23
C ILE A 25 -3.32 -24.99 15.53
N PHE A 26 -3.38 -23.67 15.65
CA PHE A 26 -2.40 -22.81 15.02
C PHE A 26 -2.09 -21.64 15.93
N GLU A 27 -0.89 -21.13 15.79
CA GLU A 27 -0.45 -20.03 16.61
C GLU A 27 0.43 -19.10 15.77
N LEU A 28 0.33 -17.79 16.04
CA LEU A 28 1.22 -16.82 15.43
C LEU A 28 2.58 -16.96 16.10
N VAL A 29 3.65 -16.46 15.48
CA VAL A 29 4.96 -16.60 16.08
C VAL A 29 5.81 -15.33 16.33
N GLU A 30 5.84 -14.36 15.41
CA GLU A 30 4.83 -14.16 14.38
C GLU A 30 5.40 -13.15 13.38
N VAL A 31 4.57 -12.70 12.44
CA VAL A 31 4.78 -11.46 11.64
C VAL A 31 5.83 -11.45 10.51
N VAL A 32 5.36 -11.51 9.27
CA VAL A 32 6.25 -11.52 8.10
C VAL A 32 6.04 -10.33 7.18
N GLY A 33 7.07 -10.00 6.41
CA GLY A 33 8.40 -10.50 6.62
C GLY A 33 9.12 -9.26 7.14
N ASN A 34 8.30 -8.21 7.25
CA ASN A 34 8.64 -6.99 7.96
C ASN A 34 7.41 -6.10 7.94
N GLY A 35 6.26 -6.73 7.72
CA GLY A 35 4.99 -6.03 7.59
C GLY A 35 4.73 -5.71 6.14
N THR A 36 5.74 -5.98 5.31
CA THR A 36 5.70 -5.67 3.89
C THR A 36 4.45 -6.25 3.22
N TYR A 37 3.96 -7.38 3.74
CA TYR A 37 2.77 -8.01 3.18
C TYR A 37 1.51 -7.63 3.90
N GLY A 38 1.67 -6.91 5.01
CA GLY A 38 0.55 -6.55 5.86
C GLY A 38 0.36 -7.52 7.02
N GLN A 39 -0.88 -7.93 7.25
CA GLN A 39 -1.23 -8.79 8.37
C GLN A 39 -0.98 -10.27 8.04
N VAL A 40 0.28 -10.60 7.78
CA VAL A 40 0.66 -11.98 7.49
C VAL A 40 1.70 -12.46 8.49
N TYR A 41 1.52 -13.71 8.94
CA TYR A 41 2.35 -14.22 10.02
C TYR A 41 3.03 -15.53 9.70
N LYS A 42 4.21 -15.68 10.28
CA LYS A 42 4.78 -16.99 10.45
C LYS A 42 3.92 -17.59 11.55
N GLY A 43 3.42 -18.79 11.31
CA GLY A 43 2.56 -19.47 12.26
C GLY A 43 2.97 -20.92 12.42
N ARG A 44 2.35 -21.60 13.37
CA ARG A 44 2.73 -22.97 13.64
C ARG A 44 1.56 -23.90 13.97
N HIS A 45 1.55 -25.05 13.30
CA HIS A 45 0.57 -26.10 13.58
C HIS A 45 0.93 -26.74 14.91
N VAL A 46 0.14 -26.38 15.93
CA VAL A 46 0.31 -26.81 17.31
C VAL A 46 0.52 -28.33 17.48
N LYS A 47 -0.19 -29.14 16.72
CA LYS A 47 -0.06 -30.58 16.93
C LYS A 47 1.25 -31.15 16.39
N THR A 48 1.68 -30.69 15.21
CA THR A 48 2.90 -31.21 14.60
C THR A 48 4.09 -30.25 14.60
N GLY A 49 3.84 -28.97 14.82
CA GLY A 49 4.91 -27.99 14.84
C GLY A 49 5.31 -27.61 13.43
N GLN A 50 4.51 -28.03 12.48
CA GLN A 50 4.67 -27.63 11.09
C GLN A 50 4.43 -26.13 11.01
N LEU A 51 5.31 -25.39 10.34
CA LEU A 51 5.07 -23.97 10.12
C LEU A 51 4.00 -23.73 9.07
N ALA A 52 3.56 -22.48 8.95
CA ALA A 52 2.53 -22.13 7.99
C ALA A 52 2.42 -20.61 7.92
N ALA A 53 2.01 -20.09 6.77
CA ALA A 53 1.82 -18.65 6.66
C ALA A 53 0.43 -18.34 7.11
N ILE A 54 0.23 -17.20 7.77
CA ILE A 54 -1.09 -16.89 8.28
C ILE A 54 -1.54 -15.47 8.04
N LYS A 55 -2.68 -15.34 7.37
CA LYS A 55 -3.26 -14.05 7.06
C LYS A 55 -4.37 -13.84 8.07
N VAL A 56 -4.42 -12.64 8.63
CA VAL A 56 -5.36 -12.35 9.70
C VAL A 56 -6.19 -11.14 9.27
N MET A 57 -7.47 -11.39 9.00
CA MET A 57 -8.34 -10.34 8.50
C MET A 57 -9.45 -10.00 9.49
N ASP A 58 -9.52 -8.72 9.85
CA ASP A 58 -10.62 -8.23 10.67
C ASP A 58 -11.88 -8.22 9.83
N VAL A 59 -12.91 -8.87 10.33
CA VAL A 59 -14.12 -9.10 9.54
C VAL A 59 -15.34 -8.33 10.05
N THR A 60 -16.34 -8.22 9.18
CA THR A 60 -17.56 -7.47 9.50
C THR A 60 -18.79 -8.16 8.90
N GLU A 61 -19.59 -7.40 8.17
CA GLU A 61 -20.77 -7.94 7.50
C GLU A 61 -20.79 -7.40 6.09
N ASP A 62 -20.14 -6.25 5.91
CA ASP A 62 -19.93 -5.68 4.59
C ASP A 62 -18.94 -6.54 3.79
N GLU A 63 -17.87 -6.98 4.44
CA GLU A 63 -16.89 -7.86 3.78
C GLU A 63 -17.53 -9.21 3.47
N GLU A 64 -17.90 -9.93 4.52
CA GLU A 64 -18.71 -11.17 4.44
C GLU A 64 -18.44 -12.11 3.26
N GLU A 65 -18.83 -11.69 2.06
CA GLU A 65 -18.74 -12.56 0.88
C GLU A 65 -17.44 -12.43 0.08
N GLU A 66 -16.77 -11.28 0.19
CA GLU A 66 -15.43 -11.11 -0.36
C GLU A 66 -14.52 -12.10 0.36
N ILE A 67 -14.81 -12.31 1.63
CA ILE A 67 -14.11 -13.29 2.45
C ILE A 67 -14.46 -14.69 1.96
N LYS A 68 -15.75 -14.98 1.94
CA LYS A 68 -16.22 -16.25 1.42
C LYS A 68 -15.51 -16.51 0.10
N LEU A 69 -15.23 -15.44 -0.64
CA LEU A 69 -14.49 -15.57 -1.88
C LEU A 69 -13.04 -15.97 -1.68
N GLU A 70 -12.29 -15.14 -0.95
CA GLU A 70 -10.86 -15.38 -0.77
C GLU A 70 -10.61 -16.86 -0.47
N ILE A 71 -11.44 -17.45 0.36
CA ILE A 71 -11.26 -18.83 0.76
C ILE A 71 -11.40 -19.79 -0.42
N ASN A 72 -12.56 -19.77 -1.09
CA ASN A 72 -12.77 -20.74 -2.17
C ASN A 72 -11.71 -20.62 -3.25
N MET A 73 -11.19 -19.41 -3.39
CA MET A 73 -10.05 -19.15 -4.26
C MET A 73 -8.91 -20.09 -3.87
N LEU A 74 -8.40 -19.94 -2.65
CA LEU A 74 -7.26 -20.75 -2.23
C LEU A 74 -7.56 -22.24 -2.25
N LYS A 75 -8.65 -22.65 -1.58
CA LYS A 75 -8.98 -24.07 -1.51
C LYS A 75 -9.03 -24.68 -2.92
N LYS A 76 -9.71 -24.00 -3.84
CA LYS A 76 -9.82 -24.50 -5.21
C LYS A 76 -8.48 -24.54 -5.95
N TYR A 77 -7.76 -23.43 -5.91
CA TYR A 77 -6.63 -23.22 -6.82
C TYR A 77 -5.23 -23.25 -6.21
N SER A 78 -5.12 -23.69 -4.96
CA SER A 78 -3.83 -23.72 -4.29
C SER A 78 -3.14 -25.06 -4.44
N HIS A 79 -3.82 -26.04 -5.04
CA HIS A 79 -3.32 -27.42 -5.05
C HIS A 79 -2.53 -27.79 -6.29
N HIS A 80 -1.41 -27.11 -6.53
CA HIS A 80 -0.57 -27.47 -7.67
C HIS A 80 0.86 -27.87 -7.30
N ARG A 81 1.54 -27.02 -6.54
CA ARG A 81 2.91 -27.31 -6.08
C ARG A 81 3.87 -26.20 -6.44
N ASN A 82 3.48 -25.40 -7.42
CA ASN A 82 4.12 -24.13 -7.63
C ASN A 82 3.33 -23.04 -6.94
N ILE A 83 2.18 -23.40 -6.36
CA ILE A 83 1.43 -22.48 -5.51
C ILE A 83 1.47 -22.90 -4.04
N ALA A 84 1.73 -21.95 -3.15
CA ALA A 84 1.65 -22.21 -1.72
C ALA A 84 0.23 -22.71 -1.44
N THR A 85 0.13 -23.85 -0.76
CA THR A 85 -1.18 -24.48 -0.65
C THR A 85 -2.01 -24.01 0.55
N TYR A 86 -3.32 -23.90 0.30
CA TYR A 86 -4.28 -23.61 1.35
C TYR A 86 -4.20 -24.66 2.45
N TYR A 87 -4.31 -24.20 3.70
CA TYR A 87 -4.39 -25.11 4.83
C TYR A 87 -5.81 -25.13 5.36
N GLY A 88 -6.37 -23.96 5.61
CA GLY A 88 -7.72 -23.88 6.11
C GLY A 88 -7.91 -22.55 6.78
N ALA A 89 -9.15 -22.24 7.13
CA ALA A 89 -9.49 -20.94 7.68
C ALA A 89 -10.13 -21.11 9.04
N PHE A 90 -10.02 -20.07 9.85
CA PHE A 90 -10.45 -20.13 11.23
C PHE A 90 -11.00 -18.79 11.65
N ILE A 91 -12.07 -18.85 12.43
CA ILE A 91 -12.66 -17.67 13.02
C ILE A 91 -12.22 -17.57 14.48
N LYS A 92 -11.60 -16.45 14.83
CA LYS A 92 -11.15 -16.23 16.20
C LYS A 92 -11.98 -15.12 16.81
N LYS A 93 -13.06 -15.51 17.47
CA LYS A 93 -14.04 -14.55 18.00
C LYS A 93 -13.41 -13.37 18.75
N SER A 94 -13.99 -12.18 18.55
CA SER A 94 -13.64 -11.00 19.32
C SER A 94 -14.80 -10.62 20.23
N PRO A 95 -14.53 -9.82 21.27
CA PRO A 95 -15.59 -9.34 22.15
C PRO A 95 -16.77 -8.81 21.34
N PRO A 96 -17.98 -9.30 21.64
CA PRO A 96 -19.24 -8.98 20.96
C PRO A 96 -19.25 -7.57 20.35
N GLY A 97 -19.89 -7.43 19.19
CA GLY A 97 -19.93 -6.17 18.49
C GLY A 97 -18.62 -5.87 17.78
N HIS A 98 -17.52 -5.97 18.52
CA HIS A 98 -16.19 -5.73 17.98
C HIS A 98 -15.97 -6.51 16.68
N ASP A 99 -14.81 -6.31 16.07
CA ASP A 99 -14.46 -7.00 14.86
C ASP A 99 -13.78 -8.34 15.12
N ASP A 100 -14.38 -9.40 14.61
CA ASP A 100 -13.75 -10.71 14.68
C ASP A 100 -12.53 -10.76 13.77
N GLN A 101 -11.74 -11.83 13.89
CA GLN A 101 -10.55 -11.97 13.06
C GLN A 101 -10.49 -13.30 12.33
N LEU A 102 -10.35 -13.21 11.01
CA LEU A 102 -10.26 -14.39 10.16
C LEU A 102 -8.82 -14.86 10.01
N TRP A 103 -8.64 -16.17 10.02
CA TRP A 103 -7.31 -16.71 9.92
C TRP A 103 -7.15 -17.53 8.65
N LEU A 104 -6.54 -16.90 7.66
CA LEU A 104 -6.26 -17.57 6.40
C LEU A 104 -4.90 -18.24 6.49
N VAL A 105 -4.91 -19.56 6.38
CA VAL A 105 -3.74 -20.34 6.72
C VAL A 105 -3.25 -21.12 5.53
N MET A 106 -1.97 -20.94 5.21
CA MET A 106 -1.38 -21.66 4.09
C MET A 106 0.02 -22.20 4.38
N GLU A 107 0.48 -23.00 3.45
CA GLU A 107 1.84 -23.53 3.44
C GLU A 107 2.84 -22.42 3.76
N PHE A 108 3.94 -22.79 4.40
CA PHE A 108 4.97 -21.79 4.72
C PHE A 108 6.20 -21.98 3.85
N CYS A 109 6.73 -20.87 3.34
CA CYS A 109 7.91 -20.93 2.47
C CYS A 109 9.08 -20.25 3.17
N GLY A 110 9.91 -21.07 3.81
CA GLY A 110 10.90 -20.56 4.73
C GLY A 110 12.10 -19.87 4.11
N ALA A 111 12.34 -20.11 2.83
CA ALA A 111 13.53 -19.57 2.18
C ALA A 111 13.37 -18.17 1.55
N GLY A 112 12.35 -17.41 1.97
CA GLY A 112 12.15 -16.04 1.51
C GLY A 112 11.74 -15.85 0.05
N SER A 113 11.84 -14.61 -0.42
CA SER A 113 11.38 -14.31 -1.77
C SER A 113 12.52 -14.21 -2.76
N ILE A 114 12.16 -14.18 -4.04
CA ILE A 114 13.12 -13.97 -5.11
C ILE A 114 13.76 -12.60 -4.95
N THR A 115 12.93 -11.59 -4.68
CA THR A 115 13.43 -10.28 -4.33
C THR A 115 14.60 -10.45 -3.34
N ASP A 116 14.32 -11.04 -2.18
CA ASP A 116 15.38 -11.31 -1.21
C ASP A 116 16.56 -12.08 -1.76
N LEU A 117 16.29 -13.20 -2.43
CA LEU A 117 17.36 -13.98 -3.04
C LEU A 117 18.37 -13.15 -3.83
N VAL A 118 17.87 -12.35 -4.78
CA VAL A 118 18.73 -11.48 -5.58
C VAL A 118 19.43 -10.46 -4.71
N LYS A 119 18.71 -9.94 -3.72
CA LYS A 119 19.25 -8.93 -2.82
C LYS A 119 20.51 -9.42 -2.15
N ASN A 120 20.50 -10.72 -1.81
CA ASN A 120 21.52 -11.29 -0.96
C ASN A 120 22.64 -11.93 -1.75
N THR A 121 22.63 -11.70 -3.06
CA THR A 121 23.63 -12.26 -3.96
C THR A 121 24.60 -11.16 -4.34
N LYS A 122 25.89 -11.42 -4.16
CA LYS A 122 26.91 -10.44 -4.51
C LYS A 122 26.69 -9.99 -5.95
N GLY A 123 26.72 -8.68 -6.17
CA GLY A 123 26.48 -8.14 -7.49
C GLY A 123 25.03 -8.29 -7.93
N ASN A 124 24.16 -8.70 -7.01
CA ASN A 124 22.73 -8.80 -7.29
C ASN A 124 22.43 -9.23 -8.72
N THR A 125 22.89 -10.44 -9.07
CA THR A 125 22.52 -11.04 -10.34
C THR A 125 22.55 -12.54 -10.21
N LEU A 126 21.58 -13.20 -10.82
CA LEU A 126 21.47 -14.65 -10.74
C LEU A 126 22.04 -15.28 -12.00
N LYS A 127 22.63 -16.47 -11.87
CA LYS A 127 23.13 -17.21 -13.02
C LYS A 127 21.99 -17.59 -13.96
N GLU A 128 22.26 -17.53 -15.25
CA GLU A 128 21.25 -17.87 -16.26
C GLU A 128 20.48 -19.14 -15.94
N ASP A 129 21.18 -20.20 -15.59
CA ASP A 129 20.48 -21.46 -15.39
C ASP A 129 19.61 -21.40 -14.15
N TRP A 130 19.91 -20.49 -13.26
CA TRP A 130 19.03 -20.26 -12.10
C TRP A 130 17.76 -19.58 -12.58
N ILE A 131 17.93 -18.57 -13.43
CA ILE A 131 16.80 -17.77 -13.91
C ILE A 131 15.86 -18.66 -14.71
N ALA A 132 16.44 -19.48 -15.58
CA ALA A 132 15.67 -20.50 -16.28
C ALA A 132 14.86 -21.34 -15.32
N TYR A 133 15.51 -21.87 -14.29
CA TYR A 133 14.82 -22.77 -13.39
C TYR A 133 13.65 -22.08 -12.70
N ILE A 134 13.92 -20.90 -12.18
CA ILE A 134 12.92 -20.20 -11.41
C ILE A 134 11.78 -19.70 -12.31
N SER A 135 12.12 -19.25 -13.50
CA SER A 135 11.11 -18.85 -14.47
C SER A 135 10.21 -20.00 -14.82
N ARG A 136 10.81 -21.12 -15.18
CA ARG A 136 9.99 -22.29 -15.45
C ARG A 136 8.99 -22.53 -14.32
N GLU A 137 9.47 -22.58 -13.08
CA GLU A 137 8.58 -22.87 -11.97
C GLU A 137 7.43 -21.85 -11.94
N ILE A 138 7.77 -20.57 -11.97
CA ILE A 138 6.74 -19.54 -12.04
C ILE A 138 5.74 -19.85 -13.15
N LEU A 139 6.24 -20.21 -14.33
CA LEU A 139 5.36 -20.53 -15.46
C LEU A 139 4.46 -21.75 -15.22
N ARG A 140 5.00 -22.76 -14.55
CA ARG A 140 4.20 -23.94 -14.23
C ARG A 140 3.05 -23.57 -13.29
N GLY A 141 3.36 -22.75 -12.29
CA GLY A 141 2.35 -22.25 -11.36
C GLY A 141 1.32 -21.40 -12.09
N LEU A 142 1.80 -20.47 -12.90
CA LEU A 142 0.91 -19.60 -13.66
C LEU A 142 0.02 -20.42 -14.59
N ALA A 143 0.62 -21.42 -15.25
CA ALA A 143 -0.12 -22.28 -16.16
C ALA A 143 -1.31 -22.89 -15.43
N HIS A 144 -1.09 -23.34 -14.21
CA HIS A 144 -2.15 -23.91 -13.40
C HIS A 144 -3.31 -22.93 -13.13
N LEU A 145 -2.99 -21.70 -12.78
CA LEU A 145 -4.02 -20.72 -12.50
C LEU A 145 -4.78 -20.33 -13.76
N HIS A 146 -4.05 -20.24 -14.87
CA HIS A 146 -4.62 -19.76 -16.11
C HIS A 146 -5.58 -20.78 -16.64
N ILE A 147 -5.25 -22.04 -16.41
CA ILE A 147 -6.09 -23.14 -16.87
C ILE A 147 -7.36 -23.21 -16.03
N HIS A 148 -7.32 -22.60 -14.84
CA HIS A 148 -8.52 -22.47 -14.02
C HIS A 148 -9.15 -21.09 -14.18
N HIS A 149 -8.60 -20.30 -15.10
CA HIS A 149 -9.23 -19.04 -15.43
C HIS A 149 -9.02 -18.02 -14.32
N VAL A 150 -7.96 -18.24 -13.53
CA VAL A 150 -7.54 -17.26 -12.55
C VAL A 150 -6.32 -16.52 -13.11
N ILE A 151 -6.36 -15.21 -13.03
CA ILE A 151 -5.22 -14.39 -13.36
C ILE A 151 -4.53 -14.06 -12.05
N HIS A 152 -3.23 -14.33 -11.95
CA HIS A 152 -2.51 -13.98 -10.73
C HIS A 152 -2.64 -12.48 -10.43
N ARG A 153 -2.10 -11.65 -11.32
CA ARG A 153 -2.31 -10.20 -11.30
C ARG A 153 -1.25 -9.42 -10.52
N ASP A 154 -0.31 -10.13 -9.91
CA ASP A 154 0.71 -9.48 -9.10
C ASP A 154 2.01 -10.29 -9.02
N ILE A 155 2.41 -10.87 -10.14
CA ILE A 155 3.74 -11.48 -10.25
C ILE A 155 4.86 -10.43 -10.16
N LYS A 156 5.67 -10.53 -9.13
CA LYS A 156 6.85 -9.71 -8.95
C LYS A 156 7.74 -10.58 -8.11
N GLY A 157 8.99 -10.19 -7.89
CA GLY A 157 9.91 -11.04 -7.16
C GLY A 157 9.43 -11.37 -5.74
N GLN A 158 8.73 -10.42 -5.15
CA GLN A 158 8.30 -10.56 -3.77
C GLN A 158 7.21 -11.58 -3.58
N ASN A 159 6.42 -11.83 -4.62
CA ASN A 159 5.33 -12.81 -4.54
C ASN A 159 5.74 -14.17 -5.05
N VAL A 160 7.05 -14.39 -5.15
CA VAL A 160 7.58 -15.67 -5.58
C VAL A 160 8.54 -16.19 -4.53
N LEU A 161 8.18 -17.31 -3.91
CA LEU A 161 8.90 -17.71 -2.71
C LEU A 161 9.60 -19.04 -2.87
N LEU A 162 10.66 -19.20 -2.10
CA LEU A 162 11.37 -20.46 -2.01
C LEU A 162 10.95 -21.24 -0.78
N THR A 163 10.97 -22.55 -0.92
CA THR A 163 10.83 -23.44 0.21
C THR A 163 12.20 -23.74 0.74
N GLU A 164 12.25 -24.35 1.92
CA GLU A 164 13.48 -24.96 2.42
C GLU A 164 14.11 -25.78 1.31
N ASN A 165 13.27 -26.43 0.50
CA ASN A 165 13.70 -27.42 -0.49
C ASN A 165 14.09 -26.88 -1.86
N ALA A 166 14.11 -25.55 -2.01
CA ALA A 166 14.36 -24.96 -3.32
C ALA A 166 13.19 -25.21 -4.28
N GLU A 167 12.00 -25.39 -3.71
CA GLU A 167 10.80 -25.44 -4.52
C GLU A 167 10.30 -24.01 -4.67
N VAL A 168 9.73 -23.72 -5.85
CA VAL A 168 9.23 -22.38 -6.09
C VAL A 168 7.72 -22.30 -5.98
N LYS A 169 7.23 -21.32 -5.21
CA LYS A 169 5.79 -21.16 -5.03
C LYS A 169 5.27 -19.74 -5.13
N LEU A 170 4.13 -19.56 -5.79
CA LEU A 170 3.50 -18.24 -5.96
C LEU A 170 2.54 -17.90 -4.81
N VAL A 171 2.58 -16.66 -4.35
CA VAL A 171 1.62 -16.20 -3.35
C VAL A 171 0.90 -14.95 -3.82
N ASP A 172 -0.18 -14.63 -3.12
CA ASP A 172 -0.91 -13.38 -3.29
C ASP A 172 -1.58 -13.31 -4.64
N PHE A 173 -1.93 -14.48 -5.17
CA PHE A 173 -2.64 -14.55 -6.43
C PHE A 173 -4.13 -14.28 -6.27
N GLY A 174 -4.76 -13.87 -7.38
CA GLY A 174 -6.19 -13.65 -7.38
C GLY A 174 -6.58 -12.57 -6.40
N THR A 188 -7.21 -0.36 -1.74
CA THR A 188 -7.23 1.11 -1.86
C THR A 188 -5.90 1.70 -2.38
N PHE A 189 -4.84 0.91 -2.29
CA PHE A 189 -3.54 1.34 -2.78
C PHE A 189 -3.29 0.84 -4.19
N ILE A 190 -2.50 1.59 -4.95
CA ILE A 190 -2.03 1.07 -6.22
C ILE A 190 -0.81 0.19 -6.01
N GLY A 191 0.05 0.57 -5.08
CA GLY A 191 1.24 -0.22 -4.84
C GLY A 191 2.24 -0.04 -5.96
N THR A 192 3.17 -0.97 -6.06
CA THR A 192 4.32 -0.83 -6.95
C THR A 192 4.00 -1.12 -8.42
N PRO A 193 4.40 -0.23 -9.33
CA PRO A 193 3.96 -0.43 -10.70
C PRO A 193 4.96 -1.19 -11.58
N TYR A 194 6.21 -1.35 -11.15
CA TYR A 194 7.26 -1.82 -12.03
C TYR A 194 7.04 -3.19 -12.73
N TRP A 195 6.21 -4.05 -12.16
CA TRP A 195 5.96 -5.34 -12.80
C TRP A 195 4.66 -5.35 -13.60
N MET A 196 4.09 -4.19 -13.83
CA MET A 196 2.80 -4.14 -14.49
C MET A 196 2.91 -4.15 -15.99
N ALA A 197 2.04 -4.92 -16.62
CA ALA A 197 1.96 -4.96 -18.07
C ALA A 197 1.32 -3.67 -18.51
N PRO A 198 1.67 -3.24 -19.73
CA PRO A 198 1.16 -2.03 -20.35
C PRO A 198 -0.37 -2.06 -20.38
N GLU A 199 -0.95 -3.19 -20.76
CA GLU A 199 -2.41 -3.25 -20.88
C GLU A 199 -3.20 -3.01 -19.57
N VAL A 200 -2.57 -3.13 -18.40
CA VAL A 200 -3.29 -2.93 -17.14
C VAL A 200 -3.21 -1.50 -16.58
N ILE A 201 -2.45 -0.63 -17.22
CA ILE A 201 -2.39 0.76 -16.81
C ILE A 201 -3.38 1.58 -17.64
N ALA A 202 -4.22 2.35 -16.98
CA ALA A 202 -5.29 3.05 -17.67
C ALA A 202 -4.79 4.34 -18.29
N CYS A 203 -5.16 4.55 -19.55
CA CYS A 203 -4.93 5.83 -20.21
C CYS A 203 -5.92 6.00 -21.36
N ASP A 204 -5.88 7.13 -22.04
CA ASP A 204 -6.99 7.50 -22.93
C ASP A 204 -7.24 6.40 -23.92
N GLU A 205 -6.16 6.03 -24.59
CA GLU A 205 -6.09 4.85 -25.45
C GLU A 205 -6.77 3.66 -24.79
N ASN A 206 -6.61 3.55 -23.48
CA ASN A 206 -7.00 2.36 -22.75
C ASN A 206 -7.68 2.67 -21.42
N PRO A 207 -8.92 3.18 -21.50
CA PRO A 207 -9.62 3.73 -20.33
C PRO A 207 -10.06 2.67 -19.32
N ASP A 208 -10.11 1.41 -19.71
CA ASP A 208 -10.58 0.39 -18.77
C ASP A 208 -9.59 -0.66 -18.26
N ALA A 209 -8.30 -0.50 -18.57
CA ALA A 209 -7.26 -1.35 -17.98
C ALA A 209 -7.64 -2.83 -18.04
N THR A 210 -7.31 -3.47 -19.16
CA THR A 210 -7.81 -4.80 -19.44
C THR A 210 -6.88 -5.94 -19.02
N TYR A 211 -6.85 -6.25 -17.71
CA TYR A 211 -6.17 -7.44 -17.21
C TYR A 211 -6.56 -8.69 -18.02
N ASP A 212 -5.58 -9.31 -18.67
CA ASP A 212 -5.77 -10.54 -19.43
C ASP A 212 -4.82 -11.57 -18.80
N TYR A 213 -4.89 -12.85 -19.18
CA TYR A 213 -4.01 -13.80 -18.48
C TYR A 213 -2.54 -13.53 -18.87
N ARG A 214 -2.34 -12.95 -20.05
CA ARG A 214 -1.00 -12.70 -20.54
C ARG A 214 -0.33 -11.56 -19.81
N SER A 215 -1.06 -10.90 -18.94
CA SER A 215 -0.50 -9.82 -18.16
C SER A 215 0.52 -10.40 -17.21
N ASP A 216 0.19 -11.57 -16.68
CA ASP A 216 1.07 -12.27 -15.76
C ASP A 216 2.44 -12.53 -16.39
N LEU A 217 2.44 -12.82 -17.70
CA LEU A 217 3.61 -13.27 -18.42
C LEU A 217 4.55 -12.11 -18.61
N TRP A 218 3.96 -10.96 -18.88
CA TRP A 218 4.72 -9.73 -18.82
C TRP A 218 5.46 -9.63 -17.48
N SER A 219 4.72 -9.64 -16.37
CA SER A 219 5.33 -9.52 -15.06
C SER A 219 6.41 -10.59 -14.85
N CYS A 220 6.22 -11.76 -15.44
CA CYS A 220 7.21 -12.82 -15.37
C CYS A 220 8.50 -12.38 -16.05
N GLY A 221 8.39 -11.79 -17.24
CA GLY A 221 9.54 -11.23 -17.90
C GLY A 221 10.21 -10.13 -17.10
N ILE A 222 9.43 -9.26 -16.47
CA ILE A 222 10.01 -8.22 -15.63
C ILE A 222 10.74 -8.86 -14.46
N THR A 223 10.17 -9.95 -13.96
CA THR A 223 10.81 -10.62 -12.83
C THR A 223 12.14 -11.27 -13.25
N ALA A 224 12.21 -11.81 -14.46
CA ALA A 224 13.45 -12.42 -14.91
C ALA A 224 14.57 -11.36 -14.95
N ILE A 225 14.20 -10.15 -15.36
CA ILE A 225 15.15 -9.06 -15.39
C ILE A 225 15.57 -8.68 -13.98
N GLU A 226 14.59 -8.70 -13.08
CA GLU A 226 14.85 -8.41 -11.69
C GLU A 226 15.92 -9.38 -11.18
N MET A 227 15.80 -10.65 -11.55
CA MET A 227 16.79 -11.66 -11.22
C MET A 227 18.14 -11.43 -11.93
N ALA A 228 18.07 -11.04 -13.18
CA ALA A 228 19.28 -10.77 -13.95
C ALA A 228 20.03 -9.49 -13.50
N GLU A 229 19.32 -8.52 -12.94
CA GLU A 229 19.91 -7.20 -12.77
C GLU A 229 19.75 -6.65 -11.37
N GLY A 230 18.98 -7.34 -10.54
CA GLY A 230 18.83 -6.95 -9.15
C GLY A 230 17.63 -6.04 -8.98
N ALA A 231 17.13 -5.52 -10.09
CA ALA A 231 15.94 -4.67 -10.04
C ALA A 231 15.21 -4.64 -11.37
N PRO A 232 13.90 -4.32 -11.31
CA PRO A 232 13.10 -4.14 -12.52
C PRO A 232 13.54 -2.92 -13.30
N PRO A 233 13.19 -2.87 -14.60
CA PRO A 233 13.42 -1.70 -15.46
C PRO A 233 12.72 -0.50 -14.82
N LEU A 234 13.32 0.68 -14.90
CA LEU A 234 12.67 1.88 -14.38
C LEU A 234 12.66 1.98 -12.86
N CYS A 235 13.46 1.16 -12.19
CA CYS A 235 13.53 1.15 -10.72
C CYS A 235 13.98 2.51 -10.18
N ASP A 236 14.83 3.16 -10.98
CA ASP A 236 15.46 4.42 -10.63
C ASP A 236 14.50 5.59 -10.78
N MET A 237 13.30 5.30 -11.25
CA MET A 237 12.35 6.36 -11.50
C MET A 237 11.29 6.47 -10.41
N HIS A 238 10.73 7.66 -10.26
CA HIS A 238 9.59 7.81 -9.38
C HIS A 238 8.51 6.85 -9.88
N PRO A 239 7.79 6.22 -8.95
CA PRO A 239 6.83 5.19 -9.38
C PRO A 239 5.72 5.78 -10.25
N MET A 240 5.29 7.00 -9.92
CA MET A 240 4.25 7.69 -10.67
C MET A 240 4.70 7.83 -12.12
N ARG A 241 5.97 8.19 -12.27
CA ARG A 241 6.62 8.34 -13.55
C ARG A 241 6.71 7.01 -14.33
N ALA A 242 7.07 5.94 -13.63
CA ALA A 242 7.14 4.62 -14.25
C ALA A 242 5.76 4.20 -14.75
N LEU A 243 4.74 4.47 -13.94
CA LEU A 243 3.37 4.15 -14.29
C LEU A 243 2.99 4.85 -15.60
N PHE A 244 3.47 6.08 -15.76
CA PHE A 244 3.29 6.84 -16.99
C PHE A 244 4.08 6.26 -18.17
N LEU A 245 5.26 5.71 -17.90
CA LEU A 245 6.17 5.38 -18.98
C LEU A 245 5.94 3.98 -19.58
N ILE A 246 5.59 3.04 -18.72
CA ILE A 246 5.45 1.65 -19.14
C ILE A 246 4.63 1.48 -20.43
N PRO A 247 3.46 2.12 -20.47
CA PRO A 247 2.60 1.99 -21.65
C PRO A 247 3.24 2.62 -22.88
N ARG A 248 4.16 3.55 -22.67
CA ARG A 248 4.74 4.30 -23.78
C ARG A 248 6.10 3.75 -24.25
N ASN A 249 6.95 3.30 -23.34
CA ASN A 249 8.21 2.73 -23.78
C ASN A 249 7.99 1.46 -24.59
N PRO A 250 8.97 1.13 -25.44
CA PRO A 250 9.06 -0.16 -26.11
C PRO A 250 9.39 -1.22 -25.05
N PRO A 251 9.39 -2.51 -25.40
CA PRO A 251 9.76 -3.49 -24.37
C PRO A 251 11.12 -3.23 -23.70
N PRO A 252 11.14 -3.25 -22.37
CA PRO A 252 12.40 -3.29 -21.63
C PRO A 252 13.34 -4.39 -22.17
N ARG A 253 14.64 -4.12 -22.07
CA ARG A 253 15.64 -5.06 -22.51
C ARG A 253 16.68 -5.23 -21.40
N LEU A 254 17.37 -6.36 -21.41
CA LEU A 254 18.47 -6.53 -20.47
C LEU A 254 19.61 -5.54 -20.78
N LYS A 255 20.14 -4.89 -19.75
CA LYS A 255 21.23 -3.92 -19.93
C LYS A 255 22.49 -4.51 -20.58
N SER A 256 22.81 -5.75 -20.25
CA SER A 256 24.09 -6.34 -20.63
C SER A 256 24.00 -7.15 -21.92
N LYS A 257 25.14 -7.32 -22.58
CA LYS A 257 25.18 -8.11 -23.80
C LYS A 257 25.65 -9.53 -23.51
N LYS A 258 25.99 -9.78 -22.24
CA LYS A 258 26.64 -11.02 -21.85
C LYS A 258 25.71 -12.21 -21.90
N TRP A 259 24.40 -11.96 -21.91
CA TRP A 259 23.44 -13.05 -21.79
C TRP A 259 23.30 -13.91 -23.04
N SER A 260 22.75 -15.11 -22.89
CA SER A 260 22.56 -15.99 -24.02
C SER A 260 21.41 -15.55 -24.91
N LYS A 261 21.63 -15.60 -26.22
CA LYS A 261 20.56 -15.38 -27.18
C LYS A 261 19.24 -15.97 -26.73
N LYS A 262 19.28 -17.18 -26.20
CA LYS A 262 18.08 -17.88 -25.77
C LYS A 262 17.32 -17.03 -24.76
N PHE A 263 18.08 -16.44 -23.84
CA PHE A 263 17.51 -15.60 -22.79
C PHE A 263 17.02 -14.24 -23.32
N PHE A 264 17.77 -13.62 -24.21
CA PHE A 264 17.32 -12.39 -24.83
C PHE A 264 15.98 -12.65 -25.47
N SER A 265 15.87 -13.81 -26.08
CA SER A 265 14.68 -14.22 -26.79
C SER A 265 13.51 -14.45 -25.85
N PHE A 266 13.78 -15.03 -24.70
CA PHE A 266 12.74 -15.32 -23.70
C PHE A 266 12.14 -14.01 -23.13
N ILE A 267 13.00 -13.10 -22.72
CA ILE A 267 12.59 -11.76 -22.34
C ILE A 267 11.71 -11.14 -23.41
N GLU A 268 12.15 -11.24 -24.65
CA GLU A 268 11.41 -10.59 -25.72
C GLU A 268 10.02 -11.22 -25.84
N GLY A 269 9.91 -12.51 -25.53
CA GLY A 269 8.64 -13.19 -25.55
C GLY A 269 7.73 -12.72 -24.42
N CYS A 270 8.28 -12.62 -23.20
CA CYS A 270 7.48 -12.15 -22.08
C CYS A 270 6.99 -10.72 -22.28
N LEU A 271 7.75 -9.92 -23.05
CA LEU A 271 7.52 -8.48 -23.08
C LEU A 271 7.10 -7.97 -24.45
N VAL A 272 6.35 -8.79 -25.19
CA VAL A 272 5.70 -8.29 -26.38
C VAL A 272 4.80 -7.15 -25.93
N LYS A 273 5.06 -5.95 -26.45
CA LYS A 273 4.31 -4.77 -26.03
C LYS A 273 2.80 -5.03 -26.09
N ASN A 274 2.31 -5.39 -27.26
CA ASN A 274 0.89 -5.64 -27.41
C ASN A 274 0.52 -7.06 -27.01
N TYR A 275 -0.13 -7.18 -25.86
CA TYR A 275 -0.47 -8.49 -25.31
C TYR A 275 -1.24 -9.38 -26.29
N MET A 276 -1.91 -8.77 -27.27
CA MET A 276 -2.60 -9.53 -28.31
C MET A 276 -1.63 -10.51 -29.00
N GLN A 277 -0.38 -10.09 -29.16
CA GLN A 277 0.64 -10.94 -29.78
C GLN A 277 1.59 -11.61 -28.77
N ARG A 278 1.27 -11.53 -27.47
CA ARG A 278 2.14 -12.13 -26.46
C ARG A 278 1.89 -13.63 -26.42
N PRO A 279 2.97 -14.43 -26.40
CA PRO A 279 2.79 -15.88 -26.37
C PRO A 279 2.06 -16.33 -25.11
N SER A 280 1.31 -17.41 -25.22
CA SER A 280 0.65 -18.04 -24.09
C SER A 280 1.66 -18.62 -23.08
N THR A 281 1.15 -18.96 -21.90
CA THR A 281 1.94 -19.64 -20.88
C THR A 281 2.55 -20.90 -21.46
N GLU A 282 1.72 -21.68 -22.15
CA GLU A 282 2.16 -22.93 -22.76
C GLU A 282 3.22 -22.65 -23.81
N GLN A 283 3.00 -21.63 -24.62
CA GLN A 283 3.99 -21.28 -25.64
C GLN A 283 5.33 -20.93 -25.00
N LEU A 284 5.27 -20.27 -23.85
CA LEU A 284 6.51 -19.85 -23.18
C LEU A 284 7.19 -21.04 -22.48
N LEU A 285 6.39 -21.99 -22.03
CA LEU A 285 6.95 -23.20 -21.41
C LEU A 285 7.69 -24.08 -22.42
N LYS A 286 7.40 -23.91 -23.71
CA LYS A 286 8.13 -24.63 -24.74
C LYS A 286 9.24 -23.75 -25.33
N HIS A 287 9.43 -22.57 -24.76
CA HIS A 287 10.57 -21.74 -25.16
C HIS A 287 11.88 -22.41 -24.77
N PRO A 288 12.80 -22.51 -25.74
CA PRO A 288 14.06 -23.24 -25.52
C PRO A 288 14.68 -22.84 -24.19
N PHE A 289 14.55 -21.56 -23.83
CA PHE A 289 15.22 -21.06 -22.64
C PHE A 289 14.65 -21.69 -21.36
N ILE A 290 13.40 -22.12 -21.43
CA ILE A 290 12.75 -22.73 -20.29
C ILE A 290 12.78 -24.25 -20.45
N ARG A 291 12.58 -24.68 -21.69
CA ARG A 291 12.43 -26.09 -22.02
C ARG A 291 13.76 -26.85 -21.84
N ASP A 292 14.82 -26.38 -22.49
CA ASP A 292 16.09 -27.08 -22.50
C ASP A 292 16.97 -26.66 -21.33
N GLN A 293 16.62 -27.14 -20.14
CA GLN A 293 17.42 -26.90 -18.93
C GLN A 293 18.17 -28.16 -18.50
N PRO A 294 19.27 -28.48 -19.18
CA PRO A 294 19.97 -29.75 -18.89
C PRO A 294 20.54 -29.81 -17.47
N ASN A 295 21.21 -28.74 -17.05
CA ASN A 295 21.81 -28.71 -15.73
C ASN A 295 20.86 -28.39 -14.57
N GLU A 296 19.56 -28.62 -14.75
CA GLU A 296 18.64 -28.25 -13.69
C GLU A 296 18.94 -29.00 -12.40
N ARG A 297 19.44 -30.22 -12.56
CA ARG A 297 19.94 -31.03 -11.45
C ARG A 297 20.88 -30.24 -10.55
N GLN A 298 21.96 -29.74 -11.15
CA GLN A 298 22.94 -28.96 -10.41
C GLN A 298 22.34 -27.66 -9.88
N VAL A 299 21.46 -27.05 -10.68
CA VAL A 299 20.82 -25.81 -10.26
C VAL A 299 20.02 -26.00 -8.98
N ARG A 300 19.21 -27.06 -8.93
CA ARG A 300 18.42 -27.27 -7.73
C ARG A 300 19.35 -27.46 -6.57
N ILE A 301 20.48 -28.09 -6.81
CA ILE A 301 21.46 -28.32 -5.76
C ILE A 301 22.08 -27.01 -5.29
N GLN A 302 22.64 -26.26 -6.24
CA GLN A 302 23.32 -25.01 -5.96
C GLN A 302 22.39 -24.08 -5.19
N LEU A 303 21.12 -24.21 -5.50
CA LEU A 303 20.09 -23.36 -4.94
C LEU A 303 19.86 -23.67 -3.46
N LYS A 304 19.62 -24.94 -3.19
CA LYS A 304 19.46 -25.41 -1.82
C LYS A 304 20.65 -24.98 -0.97
N ASP A 305 21.85 -25.13 -1.53
CA ASP A 305 23.07 -24.77 -0.81
C ASP A 305 23.05 -23.27 -0.49
N HIS A 306 22.77 -22.47 -1.51
CA HIS A 306 22.71 -21.03 -1.33
C HIS A 306 21.69 -20.66 -0.25
N ILE A 307 20.57 -21.37 -0.22
CA ILE A 307 19.53 -21.12 0.76
C ILE A 307 20.07 -21.40 2.14
N ASP A 308 20.63 -22.60 2.29
CA ASP A 308 21.06 -23.09 3.59
C ASP A 308 22.12 -22.21 4.23
N ARG A 309 23.07 -21.76 3.44
CA ARG A 309 24.13 -20.90 3.96
C ARG A 309 23.51 -19.70 4.67
N THR A 310 22.64 -19.00 3.94
CA THR A 310 21.96 -17.82 4.46
C THR A 310 20.97 -18.20 5.53
N ARG A 311 20.55 -19.47 5.51
CA ARG A 311 19.62 -19.99 6.51
C ARG A 311 20.32 -20.18 7.86
N SER B 18 24.76 12.12 21.04
CA SER B 18 24.09 11.65 19.83
C SER B 18 22.65 11.21 20.11
N LEU B 19 22.27 10.01 19.67
CA LEU B 19 20.89 9.55 19.80
C LEU B 19 20.70 8.37 20.76
N ARG B 20 20.04 8.66 21.88
CA ARG B 20 19.78 7.68 22.93
C ARG B 20 19.21 6.38 22.40
N ASP B 21 19.29 5.35 23.22
CA ASP B 21 18.50 4.15 23.01
C ASP B 21 17.16 4.35 23.71
N PRO B 22 16.05 4.02 23.04
CA PRO B 22 14.70 4.28 23.56
C PRO B 22 14.31 3.38 24.74
N ALA B 23 15.22 2.47 25.12
CA ALA B 23 14.98 1.56 26.24
C ALA B 23 15.01 2.32 27.57
N GLY B 24 13.93 2.23 28.32
CA GLY B 24 13.80 2.95 29.58
C GLY B 24 13.16 4.31 29.43
N ILE B 25 13.08 4.78 28.18
CA ILE B 25 12.52 6.10 27.90
C ILE B 25 11.11 5.96 27.30
N PHE B 26 10.99 5.19 26.21
CA PHE B 26 9.68 4.93 25.63
C PHE B 26 9.44 3.47 25.27
N GLU B 27 8.27 2.97 25.64
CA GLU B 27 7.84 1.60 25.36
C GLU B 27 6.78 1.59 24.27
N LEU B 28 7.04 0.82 23.21
CA LEU B 28 6.04 0.60 22.16
C LEU B 28 4.85 -0.18 22.70
N VAL B 29 3.75 0.54 22.92
CA VAL B 29 2.53 -0.05 23.43
C VAL B 29 1.80 -0.83 22.35
N GLU B 30 1.93 -0.39 21.10
CA GLU B 30 1.30 -1.11 19.98
C GLU B 30 1.31 -0.33 18.67
N VAL B 31 0.99 -1.02 17.59
CA VAL B 31 0.85 -0.39 16.28
C VAL B 31 -0.44 0.39 16.27
N VAL B 32 -0.38 1.61 15.74
CA VAL B 32 -1.54 2.48 15.68
C VAL B 32 -2.35 2.26 14.41
N GLY B 33 -3.65 2.54 14.49
CA GLY B 33 -4.55 2.38 13.37
C GLY B 33 -4.45 1.00 12.75
N ASN B 34 -3.92 0.05 13.51
CA ASN B 34 -3.78 -1.33 13.05
C ASN B 34 -3.13 -1.44 11.67
N GLY B 35 -1.84 -1.16 11.60
CA GLY B 35 -1.07 -1.30 10.38
C GLY B 35 -1.31 -0.19 9.38
N THR B 36 -2.45 0.48 9.50
CA THR B 36 -2.90 1.49 8.56
C THR B 36 -1.80 2.47 8.17
N TYR B 37 -1.00 2.90 9.14
CA TYR B 37 0.08 3.86 8.89
C TYR B 37 1.42 3.16 8.79
N GLY B 38 1.39 1.83 8.93
CA GLY B 38 2.59 1.01 8.85
C GLY B 38 3.31 0.82 10.17
N GLN B 39 4.63 0.89 10.15
CA GLN B 39 5.45 0.68 11.35
C GLN B 39 5.46 1.93 12.20
N VAL B 40 4.28 2.33 12.63
CA VAL B 40 4.14 3.48 13.49
C VAL B 40 3.33 3.03 14.71
N TYR B 41 3.91 3.18 15.90
CA TYR B 41 3.30 2.67 17.12
C TYR B 41 2.83 3.75 18.07
N LYS B 42 2.04 3.32 19.03
CA LYS B 42 1.72 4.13 20.18
C LYS B 42 2.71 3.75 21.24
N GLY B 43 3.60 4.68 21.59
CA GLY B 43 4.52 4.48 22.70
C GLY B 43 4.08 5.22 23.94
N ARG B 44 4.62 4.82 25.09
CA ARG B 44 4.37 5.50 26.35
C ARG B 44 5.68 5.74 27.06
N HIS B 45 5.88 6.94 27.60
CA HIS B 45 7.10 7.18 28.38
C HIS B 45 7.11 6.33 29.65
N VAL B 46 8.21 5.59 29.82
CA VAL B 46 8.32 4.55 30.82
C VAL B 46 8.13 5.05 32.25
N LYS B 47 8.48 6.32 32.47
CA LYS B 47 8.44 6.90 33.80
C LYS B 47 7.29 7.91 33.96
N THR B 48 7.12 8.76 32.96
CA THR B 48 6.19 9.89 33.03
C THR B 48 4.78 9.53 32.58
N GLY B 49 4.67 8.47 31.80
CA GLY B 49 3.38 7.99 31.32
C GLY B 49 2.86 8.66 30.06
N GLN B 50 3.52 9.74 29.64
CA GLN B 50 3.10 10.51 28.45
C GLN B 50 3.10 9.67 27.18
N LEU B 51 2.09 9.89 26.35
CA LEU B 51 1.95 9.16 25.09
C LEU B 51 2.60 9.86 23.89
N ALA B 52 3.11 9.06 22.96
CA ALA B 52 3.70 9.58 21.73
C ALA B 52 3.40 8.66 20.55
N ALA B 53 3.61 9.17 19.35
CA ALA B 53 3.60 8.35 18.16
C ALA B 53 5.05 8.09 17.75
N ILE B 54 5.35 6.84 17.42
CA ILE B 54 6.74 6.47 17.09
C ILE B 54 6.84 5.71 15.78
N LYS B 55 7.34 6.40 14.76
CA LYS B 55 7.59 5.84 13.45
C LYS B 55 8.93 5.11 13.46
N VAL B 56 8.91 3.82 13.19
CA VAL B 56 10.14 3.01 13.25
C VAL B 56 10.68 2.68 11.86
N MET B 57 11.96 2.99 11.63
CA MET B 57 12.57 2.85 10.30
C MET B 57 13.90 2.10 10.28
N ASP B 58 13.98 1.07 9.45
CA ASP B 58 15.24 0.40 9.17
C ASP B 58 16.09 1.28 8.27
N VAL B 59 17.29 1.63 8.72
CA VAL B 59 18.08 2.70 8.09
C VAL B 59 19.51 2.33 7.70
N THR B 60 20.15 3.23 6.97
CA THR B 60 21.55 3.09 6.56
C THR B 60 22.43 4.18 7.15
N LYS B 76 11.77 21.70 13.39
CA LYS B 76 11.26 22.99 13.86
C LYS B 76 10.06 23.44 13.06
N TYR B 77 9.30 22.47 12.56
CA TYR B 77 8.13 22.83 11.77
C TYR B 77 6.82 22.41 12.42
N SER B 78 6.90 21.71 13.55
CA SER B 78 5.70 21.11 14.14
C SER B 78 5.13 21.90 15.32
N HIS B 79 5.75 23.03 15.65
CA HIS B 79 5.37 23.78 16.85
C HIS B 79 4.31 24.83 16.57
N HIS B 80 3.54 24.58 15.53
CA HIS B 80 2.33 25.33 15.28
C HIS B 80 1.21 24.48 15.84
N ARG B 81 0.20 25.14 16.41
CA ARG B 81 -0.86 24.45 17.14
C ARG B 81 -1.69 23.46 16.29
N ASN B 82 -1.49 23.49 14.97
CA ASN B 82 -2.23 22.62 14.07
C ASN B 82 -1.32 21.60 13.40
N ILE B 83 -0.13 21.45 13.96
CA ILE B 83 0.78 20.41 13.50
C ILE B 83 1.26 19.60 14.69
N ALA B 84 0.96 18.31 14.67
CA ALA B 84 1.39 17.45 15.78
C ALA B 84 2.89 17.64 16.01
N THR B 85 3.24 17.98 17.26
CA THR B 85 4.61 18.36 17.59
C THR B 85 5.55 17.18 17.64
N TYR B 86 6.75 17.42 17.13
CA TYR B 86 7.76 16.40 17.11
C TYR B 86 8.59 16.45 18.40
N TYR B 87 8.67 15.31 19.06
CA TYR B 87 9.32 15.18 20.36
C TYR B 87 10.82 14.90 20.26
N GLY B 88 11.25 14.25 19.19
CA GLY B 88 12.65 13.94 18.98
C GLY B 88 12.87 12.51 18.53
N ALA B 89 14.12 12.08 18.50
CA ALA B 89 14.44 10.74 18.02
C ALA B 89 15.30 9.94 19.00
N PHE B 90 15.24 8.62 18.85
CA PHE B 90 16.09 7.67 19.57
C PHE B 90 16.80 6.81 18.52
N ILE B 91 17.87 6.13 18.93
CA ILE B 91 18.57 5.24 18.02
C ILE B 91 18.72 3.85 18.62
N LYS B 92 18.27 2.86 17.85
CA LYS B 92 18.33 1.46 18.25
C LYS B 92 19.12 0.67 17.20
N LYS B 93 20.33 0.26 17.56
CA LYS B 93 21.25 -0.40 16.64
C LYS B 93 21.34 -1.90 16.98
N SER B 94 21.82 -2.74 16.07
CA SER B 94 22.28 -2.36 14.72
C SER B 94 22.27 -3.61 13.80
N PRO B 95 22.82 -3.48 12.57
CA PRO B 95 22.78 -4.59 11.59
C PRO B 95 23.67 -5.80 11.95
N PRO B 96 23.14 -7.02 11.77
CA PRO B 96 21.78 -7.25 11.28
C PRO B 96 20.77 -7.21 12.42
N ASP B 100 19.86 -1.16 11.13
CA ASP B 100 19.45 -0.39 12.32
C ASP B 100 17.97 -0.01 12.29
N GLN B 101 17.49 0.54 13.40
CA GLN B 101 16.12 1.00 13.51
C GLN B 101 16.03 2.38 14.14
N LEU B 102 15.58 3.35 13.35
CA LEU B 102 15.40 4.73 13.81
C LEU B 102 14.01 5.00 14.38
N TRP B 103 13.97 5.66 15.53
CA TRP B 103 12.72 6.03 16.17
C TRP B 103 12.44 7.53 16.02
N LEU B 104 11.27 7.87 15.50
CA LEU B 104 10.86 9.26 15.41
C LEU B 104 9.63 9.53 16.27
N VAL B 105 9.84 10.32 17.34
CA VAL B 105 8.81 10.53 18.35
C VAL B 105 8.03 11.82 18.14
N MET B 106 6.72 11.74 18.34
CA MET B 106 5.84 12.86 18.02
C MET B 106 4.64 12.86 18.95
N GLU B 107 4.11 14.04 19.25
CA GLU B 107 3.01 14.13 20.21
C GLU B 107 1.90 13.14 19.81
N PHE B 108 1.18 12.65 20.80
CA PHE B 108 0.20 11.62 20.52
C PHE B 108 -1.21 12.20 20.48
N CYS B 109 -1.98 11.82 19.47
CA CYS B 109 -3.30 12.42 19.30
C CYS B 109 -4.38 11.42 19.68
N GLY B 110 -4.96 11.65 20.85
CA GLY B 110 -5.89 10.72 21.46
C GLY B 110 -7.12 10.41 20.63
N ALA B 111 -7.87 11.43 20.27
CA ALA B 111 -9.19 11.23 19.68
C ALA B 111 -9.16 10.57 18.30
N GLY B 112 -8.00 10.13 17.83
CA GLY B 112 -7.91 9.47 16.54
C GLY B 112 -8.21 10.32 15.32
N SER B 113 -8.07 9.72 14.14
CA SER B 113 -8.21 10.41 12.86
C SER B 113 -9.63 10.92 12.66
N ILE B 114 -9.79 11.94 11.83
CA ILE B 114 -11.12 12.40 11.47
C ILE B 114 -11.78 11.42 10.49
N THR B 115 -10.99 10.56 9.91
CA THR B 115 -11.52 9.47 9.09
C THR B 115 -12.33 8.52 9.99
N ASP B 116 -11.79 8.23 11.16
CA ASP B 116 -12.48 7.41 12.14
C ASP B 116 -13.70 8.14 12.63
N LEU B 117 -13.50 9.42 12.91
CA LEU B 117 -14.58 10.21 13.44
C LEU B 117 -15.81 10.11 12.53
N VAL B 118 -15.60 10.29 11.23
CA VAL B 118 -16.72 10.22 10.28
C VAL B 118 -17.29 8.83 10.29
N LYS B 119 -16.39 7.86 10.21
CA LYS B 119 -16.76 6.47 10.30
C LYS B 119 -17.69 6.27 11.50
N ASN B 120 -17.28 6.78 12.66
CA ASN B 120 -17.99 6.65 13.92
C ASN B 120 -19.12 7.63 14.12
N THR B 121 -19.53 8.29 13.05
CA THR B 121 -20.64 9.21 13.14
C THR B 121 -21.82 8.62 12.42
N LYS B 122 -22.91 8.46 13.15
CA LYS B 122 -24.16 8.04 12.53
C LYS B 122 -24.36 8.76 11.18
N GLY B 123 -24.61 7.98 10.13
CA GLY B 123 -24.91 8.54 8.82
C GLY B 123 -23.68 8.94 8.01
N ASN B 124 -22.51 8.46 8.43
CA ASN B 124 -21.24 8.86 7.82
C ASN B 124 -21.27 10.30 7.29
N THR B 125 -21.63 11.23 8.17
CA THR B 125 -21.56 12.63 7.83
C THR B 125 -21.18 13.40 9.09
N LEU B 126 -20.25 14.32 8.95
CA LEU B 126 -20.03 15.27 10.03
C LEU B 126 -20.95 16.47 9.85
N LYS B 127 -21.30 17.13 10.96
CA LYS B 127 -22.11 18.35 10.90
C LYS B 127 -21.40 19.44 10.10
N GLU B 128 -22.16 20.23 9.33
CA GLU B 128 -21.51 21.26 8.52
C GLU B 128 -20.56 22.16 9.29
N ASP B 129 -21.00 22.73 10.41
CA ASP B 129 -20.08 23.60 11.16
C ASP B 129 -18.94 22.82 11.84
N TRP B 130 -19.10 21.51 11.92
CA TRP B 130 -17.99 20.66 12.32
C TRP B 130 -16.89 20.68 11.23
N ILE B 131 -17.35 20.62 9.98
CA ILE B 131 -16.47 20.56 8.84
C ILE B 131 -15.74 21.89 8.67
N ALA B 132 -16.47 22.99 8.82
CA ALA B 132 -15.86 24.31 8.74
C ALA B 132 -14.72 24.47 9.76
N TYR B 133 -14.96 24.02 10.98
CA TYR B 133 -13.99 24.22 12.04
C TYR B 133 -12.77 23.37 11.77
N ILE B 134 -13.01 22.12 11.38
CA ILE B 134 -11.93 21.21 11.08
C ILE B 134 -11.15 21.69 9.85
N SER B 135 -11.86 22.06 8.79
CA SER B 135 -11.18 22.55 7.59
C SER B 135 -10.31 23.76 7.93
N ARG B 136 -10.86 24.71 8.69
CA ARG B 136 -10.10 25.89 9.05
C ARG B 136 -8.80 25.51 9.74
N GLU B 137 -8.89 24.57 10.68
CA GLU B 137 -7.69 24.08 11.35
C GLU B 137 -6.67 23.44 10.41
N ILE B 138 -7.17 22.67 9.44
CA ILE B 138 -6.33 22.12 8.40
C ILE B 138 -5.59 23.24 7.64
N LEU B 139 -6.35 24.23 7.17
CA LEU B 139 -5.77 25.36 6.46
C LEU B 139 -4.74 26.11 7.31
N ARG B 140 -5.05 26.28 8.59
CA ARG B 140 -4.12 26.93 9.52
C ARG B 140 -2.77 26.20 9.63
N GLY B 141 -2.81 24.87 9.66
CA GLY B 141 -1.58 24.10 9.65
C GLY B 141 -0.86 24.21 8.33
N LEU B 142 -1.60 24.00 7.23
CA LEU B 142 -1.01 24.10 5.91
C LEU B 142 -0.35 25.45 5.67
N ALA B 143 -1.04 26.53 6.04
CA ALA B 143 -0.50 27.87 5.90
C ALA B 143 0.89 27.93 6.52
N HIS B 144 0.98 27.49 7.77
CA HIS B 144 2.23 27.40 8.49
C HIS B 144 3.28 26.63 7.70
N LEU B 145 2.91 25.42 7.27
CA LEU B 145 3.80 24.64 6.40
C LEU B 145 4.23 25.46 5.18
N HIS B 146 3.25 26.00 4.44
CA HIS B 146 3.53 26.74 3.22
C HIS B 146 4.35 28.01 3.40
N ILE B 147 4.13 28.71 4.50
CA ILE B 147 4.90 29.91 4.76
C ILE B 147 6.36 29.55 4.96
N HIS B 148 6.60 28.31 5.43
CA HIS B 148 7.96 27.81 5.59
C HIS B 148 8.39 26.98 4.39
N HIS B 149 7.66 27.12 3.30
CA HIS B 149 8.04 26.48 2.04
C HIS B 149 7.99 24.96 2.09
N VAL B 150 6.99 24.43 2.80
CA VAL B 150 6.80 22.98 2.89
C VAL B 150 5.47 22.53 2.28
N ILE B 151 5.51 21.48 1.48
CA ILE B 151 4.29 20.92 0.93
C ILE B 151 3.95 19.67 1.72
N HIS B 152 2.78 19.65 2.35
CA HIS B 152 2.38 18.47 3.09
C HIS B 152 2.48 17.23 2.20
N ARG B 153 1.89 17.33 1.02
CA ARG B 153 2.00 16.27 0.05
C ARG B 153 1.00 15.14 0.27
N ASP B 154 0.27 15.15 1.37
CA ASP B 154 -0.61 14.00 1.64
C ASP B 154 -1.75 14.26 2.61
N ILE B 155 -2.51 15.33 2.36
CA ILE B 155 -3.69 15.63 3.15
C ILE B 155 -4.83 14.65 2.84
N LYS B 156 -5.46 14.17 3.91
CA LYS B 156 -6.61 13.26 3.87
C LYS B 156 -7.09 13.00 5.30
N GLY B 157 -8.36 12.60 5.44
CA GLY B 157 -8.95 12.39 6.75
C GLY B 157 -8.08 11.61 7.71
N GLN B 158 -7.21 10.76 7.18
CA GLN B 158 -6.37 9.92 8.02
C GLN B 158 -5.17 10.67 8.57
N ASN B 159 -4.68 11.66 7.82
CA ASN B 159 -3.54 12.46 8.26
C ASN B 159 -3.98 13.70 9.03
N VAL B 160 -5.26 13.75 9.33
CA VAL B 160 -5.80 14.83 10.14
C VAL B 160 -6.33 14.25 11.46
N LEU B 161 -5.61 14.53 12.54
CA LEU B 161 -5.86 13.87 13.82
C LEU B 161 -6.39 14.83 14.89
N LEU B 162 -7.13 14.24 15.83
CA LEU B 162 -7.73 14.95 16.96
C LEU B 162 -7.09 14.59 18.30
N THR B 163 -6.82 15.61 19.11
CA THR B 163 -6.37 15.37 20.47
C THR B 163 -7.56 15.05 21.39
N GLU B 164 -7.26 14.46 22.53
CA GLU B 164 -8.23 14.31 23.62
C GLU B 164 -9.18 15.51 23.66
N ASN B 165 -8.60 16.70 23.50
CA ASN B 165 -9.28 17.97 23.77
C ASN B 165 -9.84 18.65 22.53
N ALA B 166 -10.18 17.85 21.52
CA ALA B 166 -10.77 18.34 20.28
C ALA B 166 -9.88 19.30 19.49
N GLU B 167 -8.57 19.13 19.59
CA GLU B 167 -7.68 19.88 18.73
C GLU B 167 -7.33 19.09 17.48
N VAL B 168 -7.43 19.77 16.34
CA VAL B 168 -7.11 19.16 15.05
C VAL B 168 -5.65 19.38 14.72
N LYS B 169 -4.94 18.32 14.38
CA LYS B 169 -3.52 18.42 14.11
C LYS B 169 -3.09 17.55 12.92
N LEU B 170 -2.14 18.06 12.13
CA LEU B 170 -1.72 17.38 10.91
C LEU B 170 -0.49 16.54 11.14
N VAL B 171 -0.40 15.45 10.40
CA VAL B 171 0.73 14.52 10.53
C VAL B 171 1.18 14.10 9.16
N ASP B 172 2.41 13.61 9.09
CA ASP B 172 2.91 12.97 7.88
C ASP B 172 3.17 13.97 6.75
N PHE B 173 3.68 15.15 7.12
CA PHE B 173 3.98 16.20 6.14
C PHE B 173 5.36 16.06 5.50
N GLY B 174 5.36 16.09 4.16
CA GLY B 174 6.55 16.15 3.33
C GLY B 174 7.85 15.59 3.89
N VAL B 175 8.01 14.27 3.80
CA VAL B 175 9.19 13.60 4.33
C VAL B 175 10.41 13.79 3.43
N ASN B 187 11.33 5.07 -1.75
CA ASN B 187 9.95 4.58 -1.81
C ASN B 187 9.51 4.08 -3.19
N THR B 188 8.75 2.99 -3.17
CA THR B 188 8.50 2.23 -4.38
C THR B 188 6.99 2.03 -4.67
N PHE B 189 6.13 2.45 -3.75
CA PHE B 189 4.69 2.21 -3.88
C PHE B 189 3.91 3.48 -4.16
N ILE B 190 3.29 3.54 -5.34
CA ILE B 190 2.21 4.47 -5.58
C ILE B 190 1.13 4.13 -4.56
N GLY B 191 0.76 5.10 -3.73
CA GLY B 191 -0.13 4.84 -2.62
C GLY B 191 -1.59 4.89 -3.02
N THR B 192 -2.40 5.57 -2.22
CA THR B 192 -3.81 5.68 -2.50
C THR B 192 -4.09 7.01 -3.23
N PRO B 193 -4.84 6.94 -4.34
CA PRO B 193 -4.97 8.04 -5.31
C PRO B 193 -6.02 9.10 -4.94
N TYR B 194 -6.99 8.73 -4.12
CA TYR B 194 -8.24 9.48 -4.00
C TYR B 194 -8.13 10.95 -3.56
N TRP B 195 -7.12 11.29 -2.77
CA TRP B 195 -6.95 12.68 -2.33
C TRP B 195 -5.95 13.42 -3.19
N MET B 196 -5.50 12.79 -4.26
CA MET B 196 -4.46 13.35 -5.12
C MET B 196 -4.95 14.46 -6.03
N ALA B 197 -4.25 15.58 -6.00
CA ALA B 197 -4.49 16.64 -6.95
C ALA B 197 -4.06 16.19 -8.37
N PRO B 198 -4.74 16.68 -9.40
CA PRO B 198 -4.48 16.33 -10.80
C PRO B 198 -3.02 16.51 -11.24
N GLU B 199 -2.37 17.58 -10.81
CA GLU B 199 -1.01 17.84 -11.28
C GLU B 199 -0.02 16.82 -10.72
N VAL B 200 -0.46 16.08 -9.72
CA VAL B 200 0.38 15.13 -9.01
C VAL B 200 0.31 13.77 -9.69
N ILE B 201 -0.64 13.63 -10.60
CA ILE B 201 -0.82 12.36 -11.30
C ILE B 201 -0.16 12.50 -12.65
N ALA B 202 0.73 11.58 -12.96
CA ALA B 202 1.36 11.57 -14.27
C ALA B 202 0.37 11.01 -15.26
N CYS B 203 0.16 11.73 -16.34
CA CYS B 203 -0.84 11.31 -17.32
C CYS B 203 -0.61 11.96 -18.67
N ASP B 204 -1.50 11.65 -19.59
CA ASP B 204 -1.28 12.01 -20.98
C ASP B 204 -0.79 13.45 -21.26
N GLU B 205 -1.30 14.44 -20.53
CA GLU B 205 -0.87 15.84 -20.73
C GLU B 205 -0.09 16.39 -19.57
N ASN B 206 0.07 15.56 -18.54
CA ASN B 206 0.86 15.92 -17.38
C ASN B 206 1.98 14.90 -17.24
N PRO B 207 2.79 14.73 -18.29
CA PRO B 207 3.83 13.69 -18.36
C PRO B 207 4.82 13.74 -17.20
N ASP B 208 4.94 14.89 -16.56
CA ASP B 208 5.77 15.02 -15.37
C ASP B 208 4.97 15.63 -14.20
N ALA B 209 4.50 14.77 -13.30
CA ALA B 209 3.77 15.20 -12.11
C ALA B 209 4.37 16.43 -11.43
N THR B 210 3.49 17.33 -11.00
CA THR B 210 3.88 18.58 -10.34
C THR B 210 3.35 18.57 -8.91
N TYR B 211 4.23 18.51 -7.92
CA TYR B 211 3.79 18.93 -6.60
C TYR B 211 4.03 20.43 -6.44
N ASP B 212 3.08 21.07 -5.76
CA ASP B 212 3.06 22.50 -5.62
C ASP B 212 2.31 22.70 -4.31
N TYR B 213 2.60 23.75 -3.57
CA TYR B 213 1.86 23.98 -2.33
C TYR B 213 0.34 23.94 -2.55
N ARG B 214 -0.10 24.33 -3.75
CA ARG B 214 -1.52 24.33 -4.09
C ARG B 214 -2.20 22.95 -4.17
N SER B 215 -1.41 21.90 -4.43
CA SER B 215 -1.91 20.52 -4.41
C SER B 215 -2.51 20.16 -3.05
N ASP B 216 -1.98 20.77 -1.99
CA ASP B 216 -2.51 20.54 -0.65
C ASP B 216 -3.95 21.01 -0.51
N LEU B 217 -4.26 22.15 -1.13
CA LEU B 217 -5.58 22.73 -1.03
C LEU B 217 -6.61 21.87 -1.76
N TRP B 218 -6.21 21.32 -2.89
CA TRP B 218 -7.08 20.36 -3.53
C TRP B 218 -7.41 19.22 -2.57
N SER B 219 -6.38 18.68 -1.91
CA SER B 219 -6.60 17.56 -0.98
C SER B 219 -7.47 18.00 0.17
N CYS B 220 -7.31 19.24 0.62
N CYS B 220 -7.29 19.25 0.62
CA CYS B 220 -8.15 19.74 1.69
CA CYS B 220 -8.16 19.82 1.64
C CYS B 220 -9.62 19.69 1.27
C CYS B 220 -9.59 19.59 1.21
N GLY B 221 -9.90 20.09 0.02
CA GLY B 221 -11.23 20.01 -0.53
C GLY B 221 -11.81 18.61 -0.56
N ILE B 222 -10.99 17.62 -0.93
CA ILE B 222 -11.42 16.25 -0.98
C ILE B 222 -11.67 15.76 0.45
N THR B 223 -10.83 16.20 1.38
CA THR B 223 -10.93 15.80 2.76
C THR B 223 -12.26 16.28 3.35
N ALA B 224 -12.67 17.51 3.00
CA ALA B 224 -13.98 18.04 3.41
C ALA B 224 -15.15 17.22 2.86
N ILE B 225 -15.00 16.67 1.66
CA ILE B 225 -16.06 15.85 1.10
C ILE B 225 -16.12 14.57 1.90
N GLU B 226 -14.93 14.04 2.21
CA GLU B 226 -14.80 12.87 3.07
C GLU B 226 -15.59 13.07 4.38
N MET B 227 -15.43 14.25 4.99
CA MET B 227 -16.16 14.59 6.21
C MET B 227 -17.67 14.66 5.95
N ALA B 228 -18.03 15.21 4.80
CA ALA B 228 -19.43 15.26 4.39
C ALA B 228 -20.06 13.88 4.15
N GLU B 229 -19.32 12.97 3.52
CA GLU B 229 -19.91 11.75 2.99
C GLU B 229 -19.16 10.47 3.44
N GLY B 230 -18.15 10.65 4.29
CA GLY B 230 -17.40 9.53 4.83
C GLY B 230 -16.40 8.93 3.85
N ALA B 231 -16.42 9.40 2.60
CA ALA B 231 -15.49 8.89 1.60
C ALA B 231 -15.10 9.98 0.65
N PRO B 232 -13.88 9.90 0.10
CA PRO B 232 -13.55 10.85 -0.95
C PRO B 232 -14.31 10.37 -2.15
N PRO B 233 -14.46 11.22 -3.17
CA PRO B 233 -15.13 10.79 -4.40
C PRO B 233 -14.38 9.60 -5.02
N LEU B 234 -15.05 8.86 -5.90
CA LEU B 234 -14.38 7.79 -6.66
C LEU B 234 -13.85 6.65 -5.79
N CYS B 235 -14.11 6.73 -4.49
CA CYS B 235 -13.76 5.65 -3.57
C CYS B 235 -14.31 4.30 -4.07
N ASP B 236 -15.51 4.35 -4.65
CA ASP B 236 -16.18 3.17 -5.17
C ASP B 236 -15.43 2.58 -6.35
N MET B 237 -14.47 3.37 -6.84
CA MET B 237 -13.62 3.01 -7.98
C MET B 237 -12.39 2.20 -7.55
N HIS B 238 -11.88 1.38 -8.46
CA HIS B 238 -10.58 0.75 -8.25
C HIS B 238 -9.50 1.84 -8.32
N PRO B 239 -8.54 1.81 -7.40
CA PRO B 239 -7.61 2.93 -7.28
C PRO B 239 -6.97 3.29 -8.61
N MET B 240 -6.61 2.27 -9.39
CA MET B 240 -6.03 2.50 -10.71
C MET B 240 -7.01 3.27 -11.60
N ARG B 241 -8.28 2.89 -11.56
CA ARG B 241 -9.29 3.57 -12.35
C ARG B 241 -9.45 5.03 -11.89
N ALA B 242 -9.29 5.25 -10.59
CA ALA B 242 -9.43 6.57 -10.01
C ALA B 242 -8.27 7.48 -10.38
N LEU B 243 -7.08 6.91 -10.49
CA LEU B 243 -5.91 7.66 -10.89
C LEU B 243 -6.10 8.14 -12.33
N PHE B 244 -6.84 7.35 -13.10
CA PHE B 244 -7.14 7.70 -14.47
C PHE B 244 -8.18 8.82 -14.61
N LEU B 245 -9.16 8.85 -13.71
CA LEU B 245 -10.26 9.82 -13.82
C LEU B 245 -10.03 11.18 -13.16
N ILE B 246 -9.16 11.24 -12.16
CA ILE B 246 -9.01 12.47 -11.42
C ILE B 246 -8.54 13.63 -12.31
N PRO B 247 -7.59 13.35 -13.21
CA PRO B 247 -7.13 14.36 -14.17
C PRO B 247 -8.12 14.62 -15.32
N ARG B 248 -9.00 13.67 -15.56
CA ARG B 248 -9.88 13.73 -16.72
C ARG B 248 -11.24 14.36 -16.37
N ASN B 249 -11.80 13.95 -15.24
CA ASN B 249 -13.11 14.42 -14.81
C ASN B 249 -13.11 15.88 -14.41
N PRO B 250 -14.31 16.50 -14.49
CA PRO B 250 -14.47 17.83 -13.93
C PRO B 250 -14.33 17.74 -12.40
N PRO B 251 -14.24 18.89 -11.74
CA PRO B 251 -14.11 18.89 -10.28
C PRO B 251 -15.23 18.11 -9.60
N PRO B 252 -14.86 17.26 -8.64
CA PRO B 252 -15.83 16.45 -7.89
C PRO B 252 -16.79 17.38 -7.14
N ARG B 253 -17.93 16.86 -6.69
CA ARG B 253 -18.95 17.65 -5.99
C ARG B 253 -19.63 16.87 -4.88
N LEU B 254 -20.18 17.60 -3.90
CA LEU B 254 -21.02 16.96 -2.88
C LEU B 254 -22.22 16.30 -3.56
N LYS B 255 -22.56 15.10 -3.11
CA LYS B 255 -23.71 14.38 -3.66
C LYS B 255 -25.04 15.01 -3.26
N SER B 256 -25.10 15.55 -2.05
CA SER B 256 -26.37 16.06 -1.51
C SER B 256 -26.62 17.52 -1.82
N LYS B 257 -27.90 17.87 -1.89
CA LYS B 257 -28.31 19.24 -2.12
C LYS B 257 -28.53 20.00 -0.82
N LYS B 258 -28.33 19.31 0.30
CA LYS B 258 -28.67 19.83 1.61
C LYS B 258 -27.63 20.80 2.18
N TRP B 259 -26.46 20.87 1.55
CA TRP B 259 -25.38 21.67 2.13
C TRP B 259 -25.59 23.14 1.86
N SER B 260 -24.95 23.97 2.67
CA SER B 260 -25.10 25.41 2.52
C SER B 260 -24.36 25.91 1.29
N LYS B 261 -24.85 27.01 0.73
CA LYS B 261 -24.20 27.70 -0.38
C LYS B 261 -22.71 27.85 -0.11
N LYS B 262 -22.37 28.33 1.08
CA LYS B 262 -20.98 28.59 1.39
C LYS B 262 -20.15 27.32 1.34
N PHE B 263 -20.76 26.20 1.70
CA PHE B 263 -20.02 24.95 1.68
C PHE B 263 -19.74 24.50 0.24
N PHE B 264 -20.77 24.47 -0.60
CA PHE B 264 -20.56 24.20 -2.02
C PHE B 264 -19.43 25.09 -2.56
N SER B 265 -19.44 26.35 -2.19
CA SER B 265 -18.49 27.33 -2.69
C SER B 265 -17.06 27.07 -2.24
N PHE B 266 -16.91 26.72 -0.97
CA PHE B 266 -15.61 26.33 -0.45
C PHE B 266 -15.04 25.08 -1.14
N ILE B 267 -15.88 24.06 -1.32
CA ILE B 267 -15.52 22.93 -2.16
C ILE B 267 -15.07 23.43 -3.54
N GLU B 268 -15.94 24.20 -4.19
CA GLU B 268 -15.67 24.69 -5.52
C GLU B 268 -14.33 25.40 -5.55
N GLY B 269 -14.07 26.17 -4.49
CA GLY B 269 -12.86 26.94 -4.37
C GLY B 269 -11.60 26.09 -4.24
N CYS B 270 -11.66 25.03 -3.42
CA CYS B 270 -10.52 24.12 -3.28
C CYS B 270 -10.26 23.34 -4.55
N LEU B 271 -11.31 22.93 -5.24
CA LEU B 271 -11.16 21.97 -6.33
C LEU B 271 -11.08 22.63 -7.71
N VAL B 272 -10.26 23.66 -7.83
CA VAL B 272 -9.95 24.20 -9.14
C VAL B 272 -8.97 23.24 -9.77
N LYS B 273 -9.39 22.69 -10.90
CA LYS B 273 -8.66 21.67 -11.64
C LYS B 273 -7.21 22.10 -11.90
N ASN B 274 -7.06 23.22 -12.59
CA ASN B 274 -5.75 23.76 -12.92
C ASN B 274 -5.15 24.44 -11.70
N TYR B 275 -4.02 23.93 -11.24
CA TYR B 275 -3.48 24.38 -9.98
C TYR B 275 -2.99 25.82 -10.06
N MET B 276 -2.58 26.25 -11.27
CA MET B 276 -2.20 27.64 -11.51
C MET B 276 -3.35 28.58 -11.20
N GLN B 277 -4.59 28.09 -11.35
CA GLN B 277 -5.75 28.95 -11.15
C GLN B 277 -6.44 28.68 -9.83
N ARG B 278 -5.72 28.00 -8.95
CA ARG B 278 -6.29 27.60 -7.68
C ARG B 278 -5.75 28.53 -6.59
N PRO B 279 -6.62 28.94 -5.65
CA PRO B 279 -6.18 29.96 -4.68
C PRO B 279 -5.16 29.45 -3.68
N SER B 280 -4.59 30.40 -2.97
CA SER B 280 -3.63 30.13 -1.93
C SER B 280 -4.36 29.67 -0.69
N THR B 281 -3.62 29.02 0.19
CA THR B 281 -4.01 28.80 1.56
C THR B 281 -4.65 30.07 2.17
N GLU B 282 -3.89 31.17 2.18
CA GLU B 282 -4.35 32.42 2.76
C GLU B 282 -5.68 32.91 2.18
N GLN B 283 -5.82 32.80 0.87
CA GLN B 283 -7.08 33.17 0.21
C GLN B 283 -8.24 32.34 0.73
N LEU B 284 -8.01 31.07 0.99
CA LEU B 284 -9.10 30.18 1.41
C LEU B 284 -9.49 30.44 2.85
N LEU B 285 -8.50 30.73 3.71
CA LEU B 285 -8.80 31.14 5.08
C LEU B 285 -9.81 32.28 5.08
N LYS B 286 -9.83 33.09 4.02
CA LYS B 286 -10.78 34.19 3.94
C LYS B 286 -12.12 33.81 3.32
N HIS B 287 -12.29 32.55 2.91
CA HIS B 287 -13.57 32.12 2.38
C HIS B 287 -14.63 32.19 3.49
N PRO B 288 -15.84 32.68 3.17
CA PRO B 288 -16.87 32.82 4.21
C PRO B 288 -17.07 31.53 5.01
N PHE B 289 -16.90 30.38 4.36
CA PHE B 289 -17.19 29.10 5.00
C PHE B 289 -16.20 28.86 6.12
N ILE B 290 -15.00 29.36 5.90
CA ILE B 290 -13.91 29.17 6.84
C ILE B 290 -13.88 30.36 7.76
N ARG B 291 -14.17 31.53 7.20
CA ARG B 291 -14.04 32.80 7.88
C ARG B 291 -15.16 33.06 8.89
N ASP B 292 -16.38 32.65 8.56
CA ASP B 292 -17.53 33.01 9.38
C ASP B 292 -18.04 31.83 10.17
N GLN B 293 -17.45 31.60 11.34
CA GLN B 293 -17.91 30.54 12.23
C GLN B 293 -18.31 31.07 13.61
N PRO B 294 -19.59 31.45 13.79
CA PRO B 294 -20.11 31.90 15.08
C PRO B 294 -20.17 30.76 16.10
N ASN B 295 -20.69 29.63 15.66
CA ASN B 295 -20.88 28.48 16.54
C ASN B 295 -19.60 27.73 16.84
N GLU B 296 -18.46 28.33 16.53
CA GLU B 296 -17.18 27.71 16.83
C GLU B 296 -17.18 27.16 18.26
N ARG B 297 -17.73 27.93 19.19
CA ARG B 297 -17.74 27.56 20.60
C ARG B 297 -18.56 26.29 20.83
N GLN B 298 -19.81 26.30 20.38
CA GLN B 298 -20.66 25.11 20.47
C GLN B 298 -20.03 23.92 19.79
N VAL B 299 -19.42 24.17 18.62
CA VAL B 299 -18.78 23.13 17.84
C VAL B 299 -17.68 22.43 18.64
N ARG B 300 -16.75 23.20 19.18
CA ARG B 300 -15.67 22.61 19.98
C ARG B 300 -16.27 21.75 21.08
N ILE B 301 -17.28 22.31 21.74
CA ILE B 301 -18.01 21.60 22.78
C ILE B 301 -18.58 20.31 22.22
N GLN B 302 -19.35 20.43 21.13
CA GLN B 302 -20.03 19.28 20.55
C GLN B 302 -19.07 18.14 20.17
N LEU B 303 -17.83 18.51 19.88
CA LEU B 303 -16.84 17.54 19.48
C LEU B 303 -16.14 16.87 20.65
N LYS B 304 -15.73 17.67 21.63
CA LYS B 304 -15.11 17.12 22.82
C LYS B 304 -16.01 16.04 23.35
N ASP B 305 -17.29 16.38 23.45
CA ASP B 305 -18.28 15.42 23.90
C ASP B 305 -18.22 14.15 23.10
N HIS B 306 -18.52 14.25 21.80
CA HIS B 306 -18.43 13.10 20.92
C HIS B 306 -17.17 12.29 21.20
N ILE B 307 -16.04 13.00 21.31
CA ILE B 307 -14.76 12.36 21.56
C ILE B 307 -14.83 11.36 22.69
N ASP B 308 -15.62 11.68 23.70
CA ASP B 308 -15.77 10.84 24.88
C ASP B 308 -16.90 9.84 24.74
N ARG B 309 -18.09 10.34 24.42
CA ARG B 309 -19.23 9.48 24.15
C ARG B 309 -18.80 8.27 23.31
N THR B 310 -18.75 8.49 22.00
CA THR B 310 -18.41 7.45 21.02
C THR B 310 -17.07 6.77 21.27
N ARG B 311 -16.22 7.40 22.08
CA ARG B 311 -14.89 6.87 22.39
C ARG B 311 -14.87 5.34 22.39
O1 MES C . -0.34 -13.78 -31.61
C2 MES C . -0.44 -15.00 -30.91
C3 MES C . 0.82 -15.37 -30.23
N4 MES C . 1.97 -15.22 -31.06
C5 MES C . 1.99 -14.10 -31.92
C6 MES C . 0.68 -13.82 -32.56
C7 MES C . 3.26 -15.47 -30.45
C8 MES C . 4.27 -16.28 -31.30
S MES C . 5.80 -16.50 -30.53
O1S MES C . 6.04 -15.37 -29.70
O2S MES C . 5.73 -17.74 -29.68
O3S MES C . 6.86 -16.65 -31.58
C14 3C8 D . 2.80 -14.84 1.64
C11 3C8 D . 1.72 -12.89 1.09
C7 3C8 D . -1.91 -15.07 1.91
C8 3C8 D . -0.77 -14.32 1.24
C9 3C8 D . -0.62 -12.90 1.79
C10 3C8 D . 0.36 -12.24 0.84
C13 3C8 D . 0.53 -15.08 1.45
C3 3C8 D . -3.13 -16.29 3.31
C1 3C8 D . -0.75 -15.94 4.09
C2 3C8 D . -1.89 -15.77 3.13
N4 3C8 D . -3.90 -15.93 2.26
N6 3C8 D . -3.10 -15.18 1.39
N12 3C8 D . 1.71 -14.36 0.95
C15 3C8 D . 3.75 -13.93 2.14
C16 3C8 D . 4.84 -14.39 2.82
C17 3C8 D . 4.98 -15.79 3.00
C18 3C8 D . 3.99 -16.64 2.49
N19 3C8 D . 2.94 -16.13 1.83
C20 3C8 D . 4.16 -18.03 2.67
N21 3C8 D . 5.23 -18.47 3.33
C22 3C8 D . 6.12 -17.62 3.80
N23 3C8 D . 6.03 -16.32 3.66
N24 3C8 D . 3.22 -18.91 2.17
H5 3C8 D . -4.83 -16.17 2.12
MG MG E . 0.43 -26.54 -4.37
C14 3C8 F . 0.37 9.47 12.99
C11 3C8 F . 0.99 8.67 10.85
C7 3C8 F . 4.96 10.15 11.65
C8 3C8 F . 3.57 9.95 11.12
C9 3C8 F . 3.45 8.58 10.47
C10 3C8 F . 2.09 8.61 9.78
C13 3C8 F . 2.52 10.13 12.23
C3 3C8 F . 6.77 10.11 12.94
C1 3C8 F . 4.78 8.89 13.92
C2 3C8 F . 5.49 9.69 12.86
N4 3C8 F . 7.04 10.80 11.83
N6 3C8 F . 5.89 10.81 11.03
N12 3C8 F . 1.15 9.75 11.86
C15 3C8 F . -0.58 8.43 12.92
C16 3C8 F . -1.36 8.13 14.02
C17 3C8 F . -1.18 8.90 15.19
C18 3C8 F . -0.21 9.94 15.19
N19 3C8 F . 0.53 10.18 14.10
C20 3C8 F . -0.07 10.70 16.39
N21 3C8 F . -0.85 10.40 17.44
C22 3C8 F . -1.73 9.42 17.39
N23 3C8 F . -1.90 8.68 16.30
N24 3C8 F . 0.85 11.73 16.47
H5 3C8 F . 7.89 11.22 11.60
MG MG G . 2.33 21.70 17.66
#